data_1BYY
#
_entry.id   1BYY
#
_cell.length_a   1.000
_cell.length_b   1.000
_cell.length_c   1.000
_cell.angle_alpha   90.00
_cell.angle_beta   90.00
_cell.angle_gamma   90.00
#
_symmetry.space_group_name_H-M   'P 1'
#
_entity_poly.entity_id   1
_entity_poly.type   'polypeptide(L)'
_entity_poly.pdbx_seq_one_letter_code
;DNFNQQKKKFGGQDIFMTEEQKKYYNAMKKLGSKKPQKPIPRPANKFQGMVFD
;
_entity_poly.pdbx_strand_id   A
#
# COMPACT_ATOMS: atom_id res chain seq x y z
N GLN A 13 -4.22 -5.53 -16.18
CA GLN A 13 -5.53 -4.91 -15.83
C GLN A 13 -6.17 -5.70 -14.68
N ASP A 14 -5.36 -6.23 -13.82
CA ASP A 14 -5.89 -7.01 -12.66
C ASP A 14 -6.56 -6.05 -11.67
N ILE A 15 -6.87 -6.53 -10.49
CA ILE A 15 -7.52 -5.65 -9.48
C ILE A 15 -6.54 -4.55 -9.06
N PHE A 16 -6.62 -3.41 -9.67
CA PHE A 16 -5.69 -2.28 -9.34
C PHE A 16 -5.73 -1.99 -7.83
N MET A 17 -4.98 -1.02 -7.41
CA MET A 17 -4.96 -0.65 -5.97
C MET A 17 -6.29 0.00 -5.61
N THR A 18 -6.34 0.67 -4.49
CA THR A 18 -7.61 1.33 -4.07
C THR A 18 -7.27 2.52 -3.17
N GLU A 19 -8.24 3.07 -2.50
CA GLU A 19 -7.98 4.24 -1.60
C GLU A 19 -7.25 3.75 -0.34
N GLU A 20 -7.46 2.51 0.04
CA GLU A 20 -6.79 1.97 1.25
C GLU A 20 -5.41 1.42 0.88
N GLN A 21 -5.33 0.57 -0.11
CA GLN A 21 -4.02 -0.02 -0.52
C GLN A 21 -3.02 1.09 -0.88
N LYS A 22 -3.49 2.14 -1.50
CA LYS A 22 -2.57 3.27 -1.90
C LYS A 22 -1.88 3.83 -0.66
N LYS A 23 -2.63 4.38 0.26
CA LYS A 23 -2.01 4.96 1.50
C LYS A 23 -1.59 3.85 2.46
N TYR A 24 -1.86 2.60 2.13
CA TYR A 24 -1.47 1.48 3.02
C TYR A 24 -0.05 1.01 2.64
N TYR A 25 0.44 1.43 1.49
CA TYR A 25 1.81 1.04 1.06
C TYR A 25 2.83 1.62 2.04
N ASN A 26 2.52 2.73 2.66
CA ASN A 26 3.48 3.36 3.61
C ASN A 26 3.50 2.59 4.94
N ALA A 27 2.48 1.83 5.23
CA ALA A 27 2.44 1.05 6.49
C ALA A 27 3.15 -0.29 6.28
N MET A 28 3.02 -0.86 5.12
CA MET A 28 3.69 -2.17 4.84
C MET A 28 5.19 -1.93 4.65
N LYS A 29 5.56 -0.81 4.10
CA LYS A 29 7.00 -0.51 3.89
C LYS A 29 7.57 0.22 5.11
N LYS A 30 6.73 0.87 5.88
CA LYS A 30 7.21 1.61 7.08
C LYS A 30 8.17 2.72 6.65
N LEU A 31 7.60 3.84 6.22
CA LEU A 31 8.39 5.05 5.74
C LEU A 31 9.76 4.67 5.17
N GLY A 32 9.80 3.63 4.39
CA GLY A 32 11.09 3.19 3.78
C GLY A 32 11.48 4.15 2.66
N SER A 33 10.52 4.60 1.89
CA SER A 33 10.82 5.54 0.78
C SER A 33 10.02 6.83 0.96
N GLN A 13 -3.22 -9.23 -5.11
CA GLN A 13 -2.46 -8.26 -5.97
C GLN A 13 -3.10 -8.21 -7.36
N ASP A 14 -4.06 -7.35 -7.55
CA ASP A 14 -4.73 -7.24 -8.87
C ASP A 14 -4.04 -6.14 -9.69
N ILE A 15 -4.64 -5.73 -10.78
CA ILE A 15 -4.03 -4.67 -11.62
C ILE A 15 -4.58 -3.30 -11.23
N PHE A 16 -4.63 -3.03 -9.94
CA PHE A 16 -5.15 -1.72 -9.46
C PHE A 16 -5.04 -1.65 -7.94
N MET A 17 -5.33 -0.51 -7.38
CA MET A 17 -5.25 -0.36 -5.90
C MET A 17 -6.28 0.69 -5.44
N THR A 18 -6.97 0.42 -4.38
CA THR A 18 -8.00 1.38 -3.87
C THR A 18 -7.30 2.49 -3.07
N GLU A 19 -8.07 3.32 -2.42
CA GLU A 19 -7.47 4.43 -1.61
C GLU A 19 -6.77 3.84 -0.38
N GLU A 20 -7.30 2.76 0.13
CA GLU A 20 -6.69 2.12 1.34
C GLU A 20 -5.47 1.29 0.91
N GLN A 21 -5.54 0.68 -0.24
CA GLN A 21 -4.39 -0.14 -0.73
C GLN A 21 -3.17 0.75 -0.94
N LYS A 22 -3.35 1.89 -1.56
CA LYS A 22 -2.20 2.81 -1.81
C LYS A 22 -1.69 3.37 -0.48
N LYS A 23 -2.58 3.86 0.35
CA LYS A 23 -2.15 4.42 1.67
C LYS A 23 -1.73 3.28 2.61
N TYR A 24 -1.94 2.04 2.23
CA TYR A 24 -1.54 0.91 3.09
C TYR A 24 -0.10 0.53 2.73
N TYR A 25 0.26 0.69 1.49
CA TYR A 25 1.65 0.35 1.05
C TYR A 25 2.67 1.19 1.82
N ASN A 26 2.28 2.35 2.31
CA ASN A 26 3.26 3.21 3.06
C ASN A 26 3.40 2.71 4.51
N ALA A 27 2.40 2.02 5.02
CA ALA A 27 2.48 1.52 6.43
C ALA A 27 3.17 0.15 6.45
N MET A 28 3.07 -0.60 5.38
CA MET A 28 3.72 -1.95 5.35
C MET A 28 5.22 -1.77 5.10
N LYS A 29 5.59 -0.78 4.34
CA LYS A 29 7.03 -0.53 4.06
C LYS A 29 7.60 0.41 5.11
N LYS A 30 6.77 1.26 5.67
CA LYS A 30 7.24 2.23 6.71
C LYS A 30 8.38 3.10 6.16
N LEU A 31 8.03 4.06 5.32
CA LEU A 31 9.05 5.00 4.70
C LEU A 31 10.36 4.30 4.38
N GLY A 32 10.29 3.05 4.00
CA GLY A 32 11.52 2.28 3.66
C GLY A 32 12.42 2.19 4.90
N SER A 33 12.09 1.31 5.82
CA SER A 33 12.92 1.17 7.04
C SER A 33 13.19 -0.32 7.32
N GLN A 13 -2.10 -8.14 -4.28
CA GLN A 13 -1.26 -6.98 -4.70
C GLN A 13 -1.24 -6.90 -6.23
N ASP A 14 -2.33 -7.27 -6.84
CA ASP A 14 -2.42 -7.21 -8.33
C ASP A 14 -2.81 -5.79 -8.75
N ILE A 15 -3.10 -5.59 -10.01
CA ILE A 15 -3.48 -4.23 -10.48
C ILE A 15 -4.84 -3.85 -9.87
N PHE A 16 -4.81 -3.21 -8.73
CA PHE A 16 -6.08 -2.81 -8.06
C PHE A 16 -5.76 -1.98 -6.82
N MET A 17 -4.99 -0.93 -6.98
CA MET A 17 -4.65 -0.09 -5.79
C MET A 17 -5.83 0.83 -5.49
N THR A 18 -6.73 0.34 -4.71
CA THR A 18 -7.93 1.14 -4.32
C THR A 18 -7.49 2.37 -3.54
N GLU A 19 -8.42 3.03 -2.88
CA GLU A 19 -8.06 4.24 -2.08
C GLU A 19 -7.29 3.82 -0.83
N GLU A 20 -7.54 2.63 -0.33
CA GLU A 20 -6.83 2.17 0.89
C GLU A 20 -5.47 1.55 0.49
N GLN A 21 -5.38 0.99 -0.68
CA GLN A 21 -4.10 0.37 -1.12
C GLN A 21 -3.02 1.45 -1.23
N LYS A 22 -3.39 2.63 -1.66
CA LYS A 22 -2.39 3.73 -1.80
C LYS A 22 -1.84 4.08 -0.41
N LYS A 23 -2.71 4.25 0.57
CA LYS A 23 -2.25 4.58 1.94
C LYS A 23 -1.76 3.32 2.66
N TYR A 24 -1.80 2.18 2.02
CA TYR A 24 -1.33 0.93 2.67
C TYR A 24 0.16 0.77 2.35
N TYR A 25 0.57 1.22 1.19
CA TYR A 25 2.00 1.10 0.78
C TYR A 25 2.92 1.76 1.82
N ASN A 26 2.43 2.72 2.57
CA ASN A 26 3.30 3.39 3.58
C ASN A 26 3.35 2.54 4.86
N ALA A 27 2.29 1.83 5.16
CA ALA A 27 2.27 0.98 6.38
C ALA A 27 3.10 -0.29 6.14
N MET A 28 3.19 -0.73 4.91
CA MET A 28 3.98 -1.96 4.61
C MET A 28 5.46 -1.59 4.52
N LYS A 29 5.75 -0.40 4.09
CA LYS A 29 7.18 0.04 3.96
C LYS A 29 7.76 0.35 5.36
N LYS A 30 6.91 0.53 6.35
CA LYS A 30 7.43 0.84 7.72
C LYS A 30 7.52 -0.44 8.54
N LEU A 31 8.02 -1.50 7.97
CA LEU A 31 8.15 -2.79 8.72
C LEU A 31 9.06 -3.74 7.93
N GLY A 32 10.03 -3.20 7.24
CA GLY A 32 10.96 -4.04 6.45
C GLY A 32 12.07 -3.17 5.86
N SER A 33 12.49 -2.17 6.59
CA SER A 33 13.56 -1.26 6.08
C SER A 33 14.80 -1.38 6.97
N GLN A 13 -7.45 -10.16 -6.60
CA GLN A 13 -7.55 -8.71 -6.91
C GLN A 13 -6.17 -8.06 -6.75
N ASP A 14 -5.25 -8.44 -7.58
CA ASP A 14 -3.88 -7.86 -7.52
C ASP A 14 -3.57 -7.15 -8.83
N ILE A 15 -4.56 -6.59 -9.45
CA ILE A 15 -4.36 -5.88 -10.74
C ILE A 15 -4.80 -4.42 -10.58
N PHE A 16 -4.68 -3.88 -9.40
CA PHE A 16 -5.09 -2.47 -9.14
C PHE A 16 -4.97 -2.16 -7.64
N MET A 17 -5.37 -0.98 -7.23
CA MET A 17 -5.28 -0.62 -5.80
C MET A 17 -6.45 0.29 -5.43
N THR A 18 -7.04 0.08 -4.29
CA THR A 18 -8.19 0.93 -3.86
C THR A 18 -7.66 2.20 -3.20
N GLU A 19 -8.55 3.05 -2.73
CA GLU A 19 -8.09 4.32 -2.08
C GLU A 19 -7.29 3.99 -0.82
N GLU A 20 -7.64 2.93 -0.13
CA GLU A 20 -6.90 2.55 1.11
C GLU A 20 -5.61 1.81 0.74
N GLN A 21 -5.62 1.10 -0.36
CA GLN A 21 -4.40 0.35 -0.78
C GLN A 21 -3.26 1.33 -1.04
N LYS A 22 -3.58 2.53 -1.48
CA LYS A 22 -2.51 3.54 -1.74
C LYS A 22 -1.87 3.97 -0.42
N LYS A 23 -2.68 4.27 0.57
CA LYS A 23 -2.13 4.69 1.88
C LYS A 23 -1.67 3.48 2.70
N TYR A 24 -1.79 2.29 2.15
CA TYR A 24 -1.35 1.08 2.88
C TYR A 24 0.12 0.81 2.51
N TYR A 25 0.50 1.16 1.31
CA TYR A 25 1.90 0.95 0.86
C TYR A 25 2.89 1.63 1.81
N ASN A 26 2.48 2.66 2.51
CA ASN A 26 3.41 3.37 3.44
C ASN A 26 3.50 2.60 4.76
N ALA A 27 2.44 1.94 5.15
CA ALA A 27 2.46 1.17 6.43
C ALA A 27 3.22 -0.15 6.24
N MET A 28 3.22 -0.67 5.04
CA MET A 28 3.94 -1.96 4.79
C MET A 28 5.43 -1.66 4.60
N LYS A 29 5.75 -0.51 4.06
CA LYS A 29 7.18 -0.14 3.85
C LYS A 29 7.80 0.35 5.17
N LYS A 30 7.03 0.44 6.23
CA LYS A 30 7.60 0.91 7.53
C LYS A 30 7.96 -0.30 8.40
N LEU A 31 8.45 -1.35 7.79
CA LEU A 31 8.82 -2.56 8.57
C LEU A 31 10.11 -2.31 9.35
N GLY A 32 10.97 -1.48 8.82
CA GLY A 32 12.26 -1.17 9.51
C GLY A 32 13.43 -1.49 8.58
N SER A 33 13.46 -0.88 7.42
CA SER A 33 14.57 -1.13 6.46
C SER A 33 15.39 0.13 6.27
N GLN A 13 -3.15 -8.69 -14.59
CA GLN A 13 -3.85 -9.05 -13.30
C GLN A 13 -2.88 -9.04 -12.11
N ASP A 14 -2.56 -7.87 -11.62
CA ASP A 14 -1.63 -7.77 -10.45
C ASP A 14 -2.35 -7.07 -9.30
N ILE A 15 -3.62 -7.32 -9.17
CA ILE A 15 -4.43 -6.69 -8.08
C ILE A 15 -4.34 -5.17 -8.17
N PHE A 16 -5.38 -4.53 -8.66
CA PHE A 16 -5.39 -3.05 -8.78
C PHE A 16 -5.14 -2.42 -7.40
N MET A 17 -5.26 -1.12 -7.31
CA MET A 17 -5.04 -0.43 -6.01
C MET A 17 -6.30 0.33 -5.62
N THR A 18 -6.78 0.14 -4.42
CA THR A 18 -8.01 0.84 -3.96
C THR A 18 -7.62 2.17 -3.30
N GLU A 19 -8.53 2.77 -2.59
CA GLU A 19 -8.22 4.07 -1.91
C GLU A 19 -7.37 3.79 -0.66
N GLU A 20 -7.53 2.64 -0.07
CA GLU A 20 -6.74 2.31 1.16
C GLU A 20 -5.38 1.76 0.76
N GLN A 21 -5.31 1.03 -0.34
CA GLN A 21 -4.00 0.45 -0.78
C GLN A 21 -3.00 1.57 -1.05
N LYS A 22 -3.46 2.70 -1.53
CA LYS A 22 -2.54 3.84 -1.82
C LYS A 22 -1.84 4.28 -0.53
N LYS A 23 -2.59 4.76 0.43
CA LYS A 23 -1.98 5.21 1.71
C LYS A 23 -1.55 4.00 2.55
N TYR A 24 -1.81 2.80 2.11
CA TYR A 24 -1.41 1.59 2.88
C TYR A 24 0.03 1.20 2.48
N TYR A 25 0.56 1.80 1.43
CA TYR A 25 1.95 1.49 1.01
C TYR A 25 2.92 1.93 2.11
N ASN A 26 2.54 2.91 2.90
CA ASN A 26 3.45 3.41 3.98
C ASN A 26 3.46 2.42 5.15
N ALA A 27 2.44 1.60 5.28
CA ALA A 27 2.39 0.62 6.40
C ALA A 27 3.16 -0.65 5.99
N MET A 28 3.08 -1.01 4.74
CA MET A 28 3.80 -2.23 4.27
C MET A 28 5.30 -1.93 4.17
N LYS A 29 5.64 -0.70 3.89
CA LYS A 29 7.08 -0.33 3.79
C LYS A 29 7.62 0.02 5.17
N LYS A 30 6.77 0.53 6.05
CA LYS A 30 7.21 0.88 7.43
C LYS A 30 8.30 1.96 7.36
N LEU A 31 8.18 2.85 6.40
CA LEU A 31 9.15 3.99 6.18
C LEU A 31 10.26 3.54 5.20
N GLY A 32 10.67 2.30 5.26
CA GLY A 32 11.74 1.81 4.33
C GLY A 32 12.98 1.45 5.15
N SER A 33 13.14 0.19 5.48
CA SER A 33 14.33 -0.24 6.27
C SER A 33 15.45 -0.67 5.31
N GLN A 13 -1.97 -7.10 -6.29
CA GLN A 13 -3.23 -6.66 -5.63
C GLN A 13 -4.34 -6.59 -6.69
N ASP A 14 -4.37 -7.54 -7.57
CA ASP A 14 -5.40 -7.56 -8.65
C ASP A 14 -5.27 -6.31 -9.52
N ILE A 15 -4.05 -5.88 -9.76
CA ILE A 15 -3.78 -4.68 -10.60
C ILE A 15 -4.73 -3.52 -10.23
N PHE A 16 -5.11 -3.43 -8.99
CA PHE A 16 -6.03 -2.35 -8.54
C PHE A 16 -5.58 -1.81 -7.19
N MET A 17 -5.38 -0.53 -7.09
CA MET A 17 -4.97 0.07 -5.78
C MET A 17 -6.08 1.01 -5.32
N THR A 18 -7.00 0.49 -4.57
CA THR A 18 -8.14 1.32 -4.06
C THR A 18 -7.61 2.48 -3.22
N GLU A 19 -8.47 3.12 -2.48
CA GLU A 19 -8.03 4.27 -1.64
C GLU A 19 -7.14 3.79 -0.49
N GLU A 20 -7.34 2.57 -0.02
CA GLU A 20 -6.51 2.05 1.10
C GLU A 20 -5.25 1.41 0.54
N GLN A 21 -5.36 0.75 -0.58
CA GLN A 21 -4.17 0.09 -1.20
C GLN A 21 -3.03 1.10 -1.38
N LYS A 22 -3.34 2.29 -1.85
CA LYS A 22 -2.28 3.32 -2.05
C LYS A 22 -1.70 3.72 -0.70
N LYS A 23 -2.53 3.96 0.28
CA LYS A 23 -2.02 4.36 1.62
C LYS A 23 -1.59 3.11 2.42
N TYR A 24 -1.65 1.94 1.84
CA TYR A 24 -1.22 0.72 2.56
C TYR A 24 0.26 0.52 2.27
N TYR A 25 0.69 0.84 1.09
CA TYR A 25 2.13 0.68 0.70
C TYR A 25 3.03 1.40 1.71
N ASN A 26 2.57 2.49 2.28
CA ASN A 26 3.42 3.24 3.25
C ASN A 26 3.36 2.58 4.64
N ALA A 27 2.25 1.94 4.95
CA ALA A 27 2.12 1.27 6.27
C ALA A 27 2.93 -0.03 6.27
N MET A 28 3.15 -0.62 5.13
CA MET A 28 3.94 -1.88 5.08
C MET A 28 5.42 -1.52 4.99
N LYS A 29 5.74 -0.42 4.36
CA LYS A 29 7.17 0.00 4.25
C LYS A 29 7.64 0.61 5.58
N LYS A 30 6.74 0.88 6.50
CA LYS A 30 7.17 1.49 7.80
C LYS A 30 7.35 0.38 8.85
N LEU A 31 7.87 -0.75 8.46
CA LEU A 31 8.09 -1.87 9.42
C LEU A 31 8.86 -3.01 8.74
N GLY A 32 9.76 -2.66 7.86
CA GLY A 32 10.56 -3.70 7.14
C GLY A 32 11.96 -3.16 6.86
N SER A 33 12.87 -3.35 7.78
CA SER A 33 14.27 -2.84 7.57
C SER A 33 15.15 -3.29 8.74
N GLN A 13 3.20 -1.02 -9.17
CA GLN A 13 1.77 -0.69 -9.54
C GLN A 13 1.03 -1.93 -10.10
N ASP A 14 0.40 -2.68 -9.24
CA ASP A 14 -0.35 -3.89 -9.69
C ASP A 14 -1.46 -3.46 -10.66
N ILE A 15 -2.42 -4.31 -10.91
CA ILE A 15 -3.51 -3.94 -11.85
C ILE A 15 -4.74 -3.49 -11.06
N PHE A 16 -4.52 -2.96 -9.88
CA PHE A 16 -5.66 -2.47 -9.05
C PHE A 16 -5.14 -1.90 -7.72
N MET A 17 -5.69 -0.81 -7.27
CA MET A 17 -5.24 -0.22 -5.97
C MET A 17 -6.39 0.59 -5.38
N THR A 18 -7.02 0.05 -4.37
CA THR A 18 -8.16 0.77 -3.72
C THR A 18 -7.63 2.05 -3.06
N GLU A 19 -8.51 2.86 -2.54
CA GLU A 19 -8.06 4.13 -1.88
C GLU A 19 -7.17 3.78 -0.67
N GLU A 20 -7.40 2.65 -0.06
CA GLU A 20 -6.59 2.25 1.11
C GLU A 20 -5.29 1.57 0.65
N GLN A 21 -5.29 1.02 -0.55
CA GLN A 21 -4.04 0.34 -1.06
C GLN A 21 -2.92 1.36 -1.17
N LYS A 22 -3.20 2.53 -1.70
CA LYS A 22 -2.15 3.57 -1.86
C LYS A 22 -1.61 3.97 -0.49
N LYS A 23 -2.48 4.33 0.42
CA LYS A 23 -2.03 4.72 1.79
C LYS A 23 -1.60 3.48 2.59
N TYR A 24 -1.78 2.30 2.06
CA TYR A 24 -1.38 1.08 2.79
C TYR A 24 0.09 0.81 2.45
N TYR A 25 0.50 1.14 1.26
CA TYR A 25 1.92 0.91 0.84
C TYR A 25 2.89 1.61 1.81
N ASN A 26 2.46 2.67 2.45
CA ASN A 26 3.38 3.38 3.40
C ASN A 26 3.41 2.65 4.75
N ALA A 27 2.35 1.99 5.10
CA ALA A 27 2.30 1.25 6.40
C ALA A 27 3.03 -0.09 6.28
N MET A 28 3.09 -0.64 5.08
CA MET A 28 3.80 -1.94 4.89
C MET A 28 5.30 -1.69 4.77
N LYS A 29 5.68 -0.58 4.19
CA LYS A 29 7.13 -0.27 4.05
C LYS A 29 7.69 0.33 5.35
N LYS A 30 6.84 0.57 6.34
CA LYS A 30 7.33 1.15 7.62
C LYS A 30 7.69 0.01 8.59
N LEU A 31 8.66 -0.81 8.20
CA LEU A 31 9.14 -1.98 9.03
C LEU A 31 8.05 -2.55 9.95
N GLY A 32 6.86 -2.67 9.45
CA GLY A 32 5.74 -3.22 10.27
C GLY A 32 5.46 -2.28 11.45
N SER A 33 5.39 -2.83 12.64
CA SER A 33 5.12 -1.97 13.84
C SER A 33 5.28 -2.80 15.10
N GLN A 13 -3.02 -8.80 -12.97
CA GLN A 13 -4.34 -8.16 -12.65
C GLN A 13 -4.63 -8.30 -11.17
N ASP A 14 -4.18 -7.35 -10.38
CA ASP A 14 -4.43 -7.41 -8.91
C ASP A 14 -5.62 -6.54 -8.55
N ILE A 15 -6.61 -6.50 -9.41
CA ILE A 15 -7.83 -5.67 -9.14
C ILE A 15 -7.44 -4.23 -8.83
N PHE A 16 -6.47 -3.70 -9.55
CA PHE A 16 -5.98 -2.29 -9.35
C PHE A 16 -5.80 -1.97 -7.86
N MET A 17 -5.47 -0.75 -7.56
CA MET A 17 -5.25 -0.34 -6.15
C MET A 17 -6.34 0.66 -5.75
N THR A 18 -6.81 0.56 -4.53
CA THR A 18 -7.88 1.48 -4.06
C THR A 18 -7.26 2.59 -3.21
N GLU A 19 -8.06 3.33 -2.49
CA GLU A 19 -7.52 4.43 -1.64
C GLU A 19 -6.86 3.82 -0.40
N GLU A 20 -7.33 2.69 0.05
CA GLU A 20 -6.73 2.04 1.25
C GLU A 20 -5.48 1.26 0.84
N GLN A 21 -5.47 0.71 -0.35
CA GLN A 21 -4.29 -0.06 -0.82
C GLN A 21 -3.12 0.90 -1.05
N LYS A 22 -3.38 2.03 -1.64
CA LYS A 22 -2.30 3.03 -1.91
C LYS A 22 -1.76 3.56 -0.58
N LYS A 23 -2.63 3.94 0.32
CA LYS A 23 -2.18 4.45 1.64
C LYS A 23 -1.74 3.30 2.55
N TYR A 24 -1.87 2.07 2.09
CA TYR A 24 -1.43 0.91 2.92
C TYR A 24 0.04 0.63 2.58
N TYR A 25 0.44 0.89 1.36
CA TYR A 25 1.84 0.65 0.95
C TYR A 25 2.82 1.44 1.84
N ASN A 26 2.39 2.55 2.40
CA ASN A 26 3.30 3.35 3.25
C ASN A 26 3.43 2.72 4.64
N ALA A 27 2.41 2.02 5.08
CA ALA A 27 2.45 1.37 6.42
C ALA A 27 3.26 0.07 6.33
N MET A 28 3.15 -0.64 5.24
CA MET A 28 3.92 -1.91 5.08
C MET A 28 5.40 -1.58 4.89
N LYS A 29 5.69 -0.42 4.34
CA LYS A 29 7.11 -0.01 4.13
C LYS A 29 7.72 0.37 5.47
N LYS A 30 6.99 1.10 6.29
CA LYS A 30 7.49 1.55 7.64
C LYS A 30 8.95 2.01 7.57
N LEU A 31 9.37 2.52 6.44
CA LEU A 31 10.78 3.00 6.31
C LEU A 31 10.88 4.10 5.26
N GLY A 32 9.78 4.69 4.84
CA GLY A 32 9.83 5.77 3.82
C GLY A 32 10.64 6.95 4.37
N SER A 33 10.46 8.12 3.81
CA SER A 33 11.21 9.31 4.30
C SER A 33 10.24 10.39 4.76
N GLN A 13 -12.96 -5.93 -8.17
CA GLN A 13 -12.15 -4.77 -7.63
C GLN A 13 -10.81 -5.24 -7.04
N ASP A 14 -10.25 -6.28 -7.60
CA ASP A 14 -8.96 -6.79 -7.11
C ASP A 14 -7.94 -6.85 -8.25
N ILE A 15 -8.04 -5.91 -9.16
CA ILE A 15 -7.10 -5.87 -10.32
C ILE A 15 -6.40 -4.52 -10.36
N PHE A 16 -6.21 -3.93 -9.22
CA PHE A 16 -5.54 -2.60 -9.15
C PHE A 16 -5.45 -2.14 -7.70
N MET A 17 -4.96 -0.95 -7.48
CA MET A 17 -4.84 -0.41 -6.10
C MET A 17 -5.97 0.58 -5.86
N THR A 18 -6.52 0.59 -4.68
CA THR A 18 -7.63 1.53 -4.37
C THR A 18 -7.10 2.66 -3.47
N GLU A 19 -7.97 3.43 -2.90
CA GLU A 19 -7.53 4.56 -2.02
C GLU A 19 -7.05 4.00 -0.68
N GLU A 20 -7.57 2.88 -0.26
CA GLU A 20 -7.15 2.28 1.04
C GLU A 20 -5.90 1.43 0.84
N GLN A 21 -5.70 0.90 -0.34
CA GLN A 21 -4.49 0.06 -0.60
C GLN A 21 -3.25 0.95 -0.69
N LYS A 22 -3.40 2.14 -1.22
CA LYS A 22 -2.23 3.07 -1.35
C LYS A 22 -1.79 3.53 0.03
N LYS A 23 -2.71 4.02 0.83
CA LYS A 23 -2.35 4.48 2.21
C LYS A 23 -1.84 3.30 3.05
N TYR A 24 -2.09 2.09 2.61
CA TYR A 24 -1.60 0.91 3.36
C TYR A 24 -0.17 0.62 2.89
N TYR A 25 0.12 0.92 1.65
CA TYR A 25 1.49 0.69 1.11
C TYR A 25 2.54 1.46 1.92
N ASN A 26 2.17 2.57 2.51
CA ASN A 26 3.18 3.35 3.30
C ASN A 26 3.42 2.68 4.66
N ALA A 27 2.43 1.96 5.16
CA ALA A 27 2.62 1.29 6.47
C ALA A 27 3.41 0.00 6.29
N MET A 28 3.21 -0.69 5.19
CA MET A 28 3.96 -1.95 4.94
C MET A 28 5.40 -1.61 4.55
N LYS A 29 5.60 -0.47 3.93
CA LYS A 29 6.98 -0.06 3.53
C LYS A 29 7.64 0.75 4.65
N LYS A 30 7.10 0.70 5.86
CA LYS A 30 7.71 1.47 6.98
C LYS A 30 8.70 0.59 7.75
N LEU A 31 9.52 -0.17 7.03
CA LEU A 31 10.49 -1.06 7.71
C LEU A 31 11.36 -1.77 6.65
N GLY A 32 11.67 -1.08 5.59
CA GLY A 32 12.50 -1.69 4.51
C GLY A 32 13.87 -1.00 4.48
N SER A 33 13.89 0.27 4.18
CA SER A 33 15.20 1.01 4.12
C SER A 33 16.08 0.39 3.04
N GLN A 13 -3.89 -9.91 -11.91
CA GLN A 13 -4.03 -8.41 -11.95
C GLN A 13 -5.45 -7.93 -11.61
N ASP A 14 -5.75 -7.79 -10.35
CA ASP A 14 -7.11 -7.33 -9.94
C ASP A 14 -7.38 -5.93 -10.52
N ILE A 15 -8.40 -5.27 -10.04
CA ILE A 15 -8.71 -3.91 -10.57
C ILE A 15 -7.86 -2.86 -9.84
N PHE A 16 -6.61 -2.75 -10.22
CA PHE A 16 -5.66 -1.75 -9.60
C PHE A 16 -5.76 -1.75 -8.07
N MET A 17 -5.04 -0.87 -7.44
CA MET A 17 -5.07 -0.78 -5.97
C MET A 17 -6.40 -0.14 -5.57
N THR A 18 -6.46 0.46 -4.40
CA THR A 18 -7.74 1.09 -3.95
C THR A 18 -7.42 2.27 -3.04
N GLU A 19 -8.42 2.84 -2.42
CA GLU A 19 -8.19 4.00 -1.52
C GLU A 19 -7.38 3.57 -0.30
N GLU A 20 -7.50 2.32 0.08
CA GLU A 20 -6.73 1.82 1.26
C GLU A 20 -5.34 1.33 0.83
N GLN A 21 -5.30 0.38 -0.07
CA GLN A 21 -3.98 -0.16 -0.54
C GLN A 21 -3.07 0.97 -1.05
N LYS A 22 -3.66 2.06 -1.49
CA LYS A 22 -2.83 3.20 -2.01
C LYS A 22 -2.01 3.81 -0.87
N LYS A 23 -2.66 4.41 0.08
CA LYS A 23 -1.92 5.04 1.23
C LYS A 23 -1.54 3.97 2.26
N TYR A 24 -1.81 2.72 2.00
CA TYR A 24 -1.43 1.65 2.95
C TYR A 24 -0.02 1.13 2.60
N TYR A 25 0.46 1.41 1.41
CA TYR A 25 1.81 0.95 1.01
C TYR A 25 2.86 1.62 1.90
N ASN A 26 2.58 2.81 2.38
CA ASN A 26 3.56 3.53 3.24
C ASN A 26 3.58 2.93 4.66
N ALA A 27 2.53 2.24 5.04
CA ALA A 27 2.49 1.63 6.40
C ALA A 27 3.12 0.23 6.37
N MET A 28 2.97 -0.46 5.27
CA MET A 28 3.56 -1.83 5.15
C MET A 28 5.07 -1.73 4.92
N LYS A 29 5.52 -0.65 4.33
CA LYS A 29 6.98 -0.48 4.07
C LYS A 29 7.72 -0.11 5.36
N LYS A 30 7.02 0.37 6.36
CA LYS A 30 7.70 0.75 7.64
C LYS A 30 7.75 -0.46 8.58
N LEU A 31 8.42 -1.52 8.18
CA LEU A 31 8.52 -2.72 9.06
C LEU A 31 9.37 -3.79 8.36
N GLY A 32 9.26 -3.90 7.06
CA GLY A 32 10.06 -4.93 6.32
C GLY A 32 9.13 -5.96 5.68
N SER A 33 8.71 -5.72 4.47
CA SER A 33 7.79 -6.68 3.79
C SER A 33 8.39 -7.08 2.43
#